data_8V58
#
_entry.id   8V58
#
_cell.length_a   111.892
_cell.length_b   111.892
_cell.length_c   116.653
_cell.angle_alpha   90.000
_cell.angle_beta   90.000
_cell.angle_gamma   90.000
#
_symmetry.space_group_name_H-M   'P 41 2 2'
#
loop_
_entity.id
_entity.type
_entity.pdbx_description
1 polymer 'Cathepsin K'
2 branched beta-D-galactopyranose-(1-4)-alpha-D-mannopyranose-(1-4)-alpha-D-mannopyranose-(1-6)-[alpha-D-mannopyranose-(1-3)]beta-D-mannopyranose-(1-4)-2-acetamido-2-deoxy-beta-D-glucopyranose-(1-4)-[alpha-L-fucopyranose-(1-6)]2-acetamido-2-deoxy-beta-D-glucopyranose
3 branched '2-deoxy-6-O-sulfo-2-(sulfoamino)-alpha-D-glucopyranose-(1-4)-2-O-sulfo-alpha-L-idopyranuronic acid-(1-4)-2-deoxy-6-O-sulfo-2-(sulfoamino)-alpha-D-glucopyranose-(1-4)-2-O-sulfo-alpha-L-idopyranuronic acid-(1-4)-2-deoxy-6-O-sulfo-2-(sulfoamino)-alpha-D-glucopyranose-(1-4)-2-O-sulfo-alpha-L-idopyranuronic acid-(1-4)-2-deoxy-6-O-sulfo-2-(sulfoamino)-alpha-D-glucopyranose-(1-4)-2-O-sulfo-alpha-L-idopyranuronic acid'
4 non-polymer 2-acetamido-2-deoxy-beta-D-glucopyranose
5 non-polymer 1,2-ETHANEDIOL
6 water water
#
_entity_poly.entity_id   1
_entity_poly.type   'polypeptide(L)'
_entity_poly.pdbx_seq_one_letter_code
;GRVPDSIDYRKKGYVTPVKNQGQCGSCWAFSSAGALEGQLKKKTGKLLALSPQNLVDCVTENYGCGGGYMTTAFQYVQQN
GGIDSEDAYPYVGQDESCMYNATAKAAKCRGYREIPVGNEKALKRAVARVGPISVSIDASLASFQFYSRGVYYDENCDRD
NVNHAVLVVGYGTQKGSKHWIIKNSWGESWGNKGYALLARNKNNACGITNMASFPKM
;
_entity_poly.pdbx_strand_id   A,B
#
# COMPACT_ATOMS: atom_id res chain seq x y z
N VAL A 3 20.10 -0.92 -15.37
CA VAL A 3 19.97 -1.80 -14.16
C VAL A 3 21.25 -1.66 -13.31
N PRO A 4 21.15 -1.34 -12.01
CA PRO A 4 22.38 -1.06 -11.25
C PRO A 4 23.33 -2.24 -11.13
N ASP A 5 24.59 -1.91 -10.85
CA ASP A 5 25.61 -2.91 -10.52
C ASP A 5 25.46 -3.47 -9.12
N SER A 6 24.76 -2.74 -8.26
CA SER A 6 24.73 -3.05 -6.83
C SER A 6 23.46 -2.43 -6.27
N ILE A 7 22.78 -3.20 -5.42
CA ILE A 7 21.58 -2.73 -4.77
C ILE A 7 21.51 -3.49 -3.47
N ASP A 8 20.98 -2.84 -2.44
CA ASP A 8 20.98 -3.44 -1.11
C ASP A 8 19.72 -2.92 -0.44
N TYR A 9 18.66 -3.73 -0.48
CA TYR A 9 17.41 -3.23 0.04
C TYR A 9 17.42 -3.10 1.55
N ARG A 10 18.44 -3.64 2.22
CA ARG A 10 18.62 -3.30 3.64
C ARG A 10 18.84 -1.80 3.74
N LYS A 11 19.76 -1.26 2.93
CA LYS A 11 20.06 0.18 2.93
C LYS A 11 18.79 1.00 2.81
N LYS A 12 17.81 0.53 2.03
CA LYS A 12 16.67 1.36 1.66
C LYS A 12 15.48 1.17 2.59
N GLY A 13 15.66 0.50 3.73
CA GLY A 13 14.53 0.36 4.62
C GLY A 13 13.48 -0.64 4.20
N TYR A 14 13.81 -1.60 3.35
CA TYR A 14 12.82 -2.52 2.80
C TYR A 14 12.76 -3.84 3.56
N VAL A 15 13.65 -4.06 4.52
CA VAL A 15 13.84 -5.34 5.17
C VAL A 15 13.65 -5.14 6.66
N THR A 16 12.86 -6.01 7.29
CA THR A 16 12.65 -5.99 8.73
C THR A 16 13.80 -6.75 9.37
N PRO A 17 13.93 -6.69 10.69
CA PRO A 17 15.04 -7.41 11.33
C PRO A 17 14.92 -8.92 11.20
N VAL A 18 16.09 -9.54 11.09
CA VAL A 18 16.25 -10.99 11.08
C VAL A 18 15.48 -11.59 12.23
N LYS A 19 14.78 -12.67 11.97
CA LYS A 19 14.07 -13.43 13.00
C LYS A 19 14.65 -14.86 13.08
N ASN A 20 14.15 -15.66 14.03
CA ASN A 20 14.61 -17.04 14.23
C ASN A 20 13.39 -17.98 14.18
N GLN A 21 13.33 -18.83 13.16
CA GLN A 21 12.23 -19.76 12.99
C GLN A 21 12.24 -20.88 14.03
N GLY A 22 13.37 -21.12 14.70
CA GLY A 22 13.37 -22.11 15.77
C GLY A 22 13.32 -23.52 15.22
N GLN A 23 12.61 -24.39 15.92
CA GLN A 23 12.47 -25.78 15.50
C GLN A 23 11.27 -25.99 14.59
N CYS A 24 10.54 -24.93 14.26
CA CYS A 24 9.49 -25.02 13.25
C CYS A 24 10.05 -24.88 11.84
N GLY A 25 9.50 -25.67 10.92
CA GLY A 25 9.96 -25.65 9.55
C GLY A 25 9.15 -24.68 8.71
N SER A 26 9.32 -23.39 8.97
CA SER A 26 8.48 -22.35 8.39
C SER A 26 9.34 -21.32 7.69
N CYS A 27 10.53 -21.74 7.26
CA CYS A 27 11.40 -20.89 6.46
C CYS A 27 10.63 -20.24 5.31
N TRP A 28 9.79 -21.03 4.64
CA TRP A 28 8.98 -20.53 3.53
C TRP A 28 8.11 -19.35 3.93
N ALA A 29 7.62 -19.33 5.18
CA ALA A 29 6.72 -18.27 5.60
C ALA A 29 7.45 -16.96 5.88
N PHE A 30 8.68 -17.04 6.40
CA PHE A 30 9.46 -15.82 6.59
C PHE A 30 9.89 -15.26 5.23
N SER A 31 10.20 -16.16 4.29
CA SER A 31 10.55 -15.70 2.95
C SER A 31 9.36 -14.99 2.30
N SER A 32 8.18 -15.60 2.37
CA SER A 32 6.98 -14.97 1.83
C SER A 32 6.75 -13.58 2.41
N ALA A 33 6.50 -13.53 3.73
CA ALA A 33 6.28 -12.26 4.42
C ALA A 33 7.38 -11.24 4.16
N GLY A 34 8.62 -11.69 3.99
CA GLY A 34 9.68 -10.75 3.71
C GLY A 34 9.50 -10.09 2.35
N ALA A 35 9.10 -10.88 1.36
CA ALA A 35 8.86 -10.32 0.04
C ALA A 35 7.62 -9.42 0.07
N LEU A 36 6.61 -9.78 0.88
CA LEU A 36 5.42 -8.95 0.98
C LEU A 36 5.73 -7.66 1.72
N GLU A 37 6.62 -7.73 2.72
CA GLU A 37 7.11 -6.54 3.40
C GLU A 37 7.75 -5.60 2.40
N GLY A 38 8.60 -6.16 1.53
CA GLY A 38 9.31 -5.34 0.55
C GLY A 38 8.36 -4.60 -0.38
N GLN A 39 7.33 -5.30 -0.86
CA GLN A 39 6.41 -4.68 -1.81
C GLN A 39 5.48 -3.68 -1.14
N LEU A 40 5.10 -3.95 0.10
CA LEU A 40 4.32 -2.98 0.86
C LEU A 40 5.09 -1.68 1.02
N LYS A 41 6.39 -1.76 1.32
CA LYS A 41 7.22 -0.58 1.41
C LYS A 41 7.29 0.14 0.07
N LYS A 42 7.35 -0.60 -1.03
CA LYS A 42 7.51 0.05 -2.33
C LYS A 42 6.26 0.81 -2.74
N LYS A 43 5.09 0.26 -2.42
CA LYS A 43 3.83 0.84 -2.84
C LYS A 43 3.33 1.92 -1.91
N THR A 44 3.63 1.81 -0.59
CA THR A 44 3.07 2.70 0.42
C THR A 44 4.13 3.53 1.12
N GLY A 45 5.34 3.01 1.32
CA GLY A 45 6.40 3.72 1.98
C GLY A 45 6.67 3.26 3.41
N LYS A 46 5.74 2.53 4.02
CA LYS A 46 5.91 2.07 5.39
C LYS A 46 6.52 0.68 5.42
N LEU A 47 7.46 0.48 6.34
CA LEU A 47 8.05 -0.84 6.58
C LEU A 47 7.32 -1.38 7.80
N LEU A 48 6.64 -2.50 7.62
CA LEU A 48 5.83 -3.09 8.68
C LEU A 48 6.03 -4.60 8.64
N ALA A 49 6.50 -5.17 9.74
CA ALA A 49 6.75 -6.60 9.79
C ALA A 49 5.45 -7.38 9.75
N LEU A 50 5.32 -8.24 8.75
CA LEU A 50 4.11 -9.02 8.54
C LEU A 50 4.25 -10.40 9.18
N SER A 51 3.14 -11.14 9.17
CA SER A 51 3.02 -12.31 10.03
C SER A 51 3.33 -13.60 9.29
N PRO A 52 4.45 -14.27 9.56
CA PRO A 52 4.59 -15.63 9.05
C PRO A 52 3.65 -16.62 9.73
N GLN A 53 3.38 -16.44 11.02
CA GLN A 53 2.46 -17.31 11.72
C GLN A 53 1.08 -17.32 11.05
N ASN A 54 0.64 -16.15 10.56
CA ASN A 54 -0.58 -16.09 9.77
C ASN A 54 -0.56 -17.18 8.69
N LEU A 55 0.54 -17.23 7.94
CA LEU A 55 0.63 -18.17 6.83
C LEU A 55 0.79 -19.61 7.31
N VAL A 56 1.63 -19.82 8.33
CA VAL A 56 1.83 -21.17 8.87
C VAL A 56 0.51 -21.79 9.27
N ASP A 57 -0.38 -21.02 9.90
CA ASP A 57 -1.59 -21.58 10.44
C ASP A 57 -2.65 -21.77 9.36
N CYS A 58 -2.63 -20.93 8.33
CA CYS A 58 -3.78 -20.73 7.46
C CYS A 58 -3.56 -21.22 6.03
N VAL A 59 -2.32 -21.29 5.54
CA VAL A 59 -2.08 -21.82 4.20
C VAL A 59 -2.34 -23.32 4.20
N THR A 60 -3.60 -23.72 3.95
CA THR A 60 -3.96 -25.12 4.11
C THR A 60 -3.21 -26.02 3.14
N GLU A 61 -2.95 -25.53 1.91
CA GLU A 61 -2.22 -26.27 0.89
C GLU A 61 -0.73 -26.37 1.17
N ASN A 62 -0.26 -25.88 2.30
CA ASN A 62 1.09 -26.09 2.78
C ASN A 62 1.02 -26.93 4.03
N TYR A 63 2.19 -27.28 4.54
CA TYR A 63 2.30 -28.22 5.64
C TYR A 63 2.70 -27.52 6.94
N GLY A 64 2.38 -26.23 7.06
CA GLY A 64 2.60 -25.56 8.33
C GLY A 64 4.08 -25.64 8.70
N CYS A 65 4.36 -26.06 9.94
CA CYS A 65 5.73 -26.19 10.41
C CYS A 65 6.51 -27.31 9.72
N GLY A 66 5.86 -28.10 8.86
CA GLY A 66 6.52 -29.19 8.19
C GLY A 66 6.82 -28.85 6.74
N GLY A 67 6.80 -27.57 6.39
CA GLY A 67 7.25 -27.11 5.10
C GLY A 67 6.14 -26.44 4.32
N GLY A 68 6.53 -25.86 3.19
CA GLY A 68 5.59 -25.19 2.33
C GLY A 68 6.29 -24.45 1.21
N TYR A 69 5.47 -23.75 0.43
CA TYR A 69 5.92 -23.00 -0.72
C TYR A 69 5.58 -21.54 -0.57
N MET A 70 6.43 -20.70 -1.15
CA MET A 70 6.12 -19.29 -1.14
C MET A 70 4.98 -18.98 -2.12
N THR A 71 5.00 -19.61 -3.29
CA THR A 71 3.96 -19.33 -4.28
C THR A 71 2.59 -19.66 -3.74
N THR A 72 2.48 -20.73 -2.97
CA THR A 72 1.17 -21.08 -2.43
C THR A 72 0.83 -20.18 -1.25
N ALA A 73 1.84 -19.70 -0.54
CA ALA A 73 1.61 -18.68 0.48
C ALA A 73 1.03 -17.42 -0.13
N PHE A 74 1.64 -16.94 -1.21
CA PHE A 74 1.15 -15.75 -1.90
C PHE A 74 -0.29 -15.95 -2.35
N GLN A 75 -0.61 -17.12 -2.87
CA GLN A 75 -1.95 -17.35 -3.41
C GLN A 75 -2.98 -17.29 -2.28
N TYR A 76 -2.61 -17.77 -1.10
CA TYR A 76 -3.49 -17.65 0.07
C TYR A 76 -3.82 -16.19 0.32
N VAL A 77 -2.78 -15.35 0.43
CA VAL A 77 -3.02 -13.94 0.73
C VAL A 77 -3.86 -13.28 -0.34
N GLN A 78 -3.76 -13.74 -1.58
CA GLN A 78 -4.63 -13.22 -2.62
C GLN A 78 -6.09 -13.63 -2.36
N GLN A 79 -6.35 -14.93 -2.26
CA GLN A 79 -7.72 -15.39 -2.08
C GLN A 79 -8.25 -15.01 -0.71
N ASN A 80 -7.41 -15.05 0.31
CA ASN A 80 -7.80 -14.59 1.64
C ASN A 80 -8.05 -13.08 1.68
N GLY A 81 -7.52 -12.34 0.71
CA GLY A 81 -7.77 -10.91 0.66
C GLY A 81 -7.02 -10.13 1.71
N GLY A 82 -5.95 -10.68 2.26
CA GLY A 82 -5.19 -9.95 3.23
C GLY A 82 -4.25 -10.85 4.01
N ILE A 83 -3.31 -10.20 4.69
CA ILE A 83 -2.39 -10.84 5.62
C ILE A 83 -2.19 -9.91 6.81
N ASP A 84 -2.13 -10.48 8.02
CA ASP A 84 -2.01 -9.67 9.21
C ASP A 84 -0.57 -9.29 9.46
N SER A 85 -0.39 -8.34 10.35
CA SER A 85 0.91 -7.85 10.75
C SER A 85 1.44 -8.75 11.84
N GLU A 86 2.77 -8.78 11.95
CA GLU A 86 3.39 -9.55 13.02
C GLU A 86 2.87 -9.10 14.40
N ASP A 87 2.65 -7.81 14.60
CA ASP A 87 2.10 -7.35 15.88
C ASP A 87 0.73 -7.96 16.17
N ALA A 88 -0.16 -7.97 15.19
CA ALA A 88 -1.48 -8.54 15.39
C ALA A 88 -1.42 -10.06 15.57
N TYR A 89 -0.49 -10.74 14.90
CA TYR A 89 -0.47 -12.20 14.78
C TYR A 89 0.97 -12.71 14.99
N PRO A 90 1.48 -12.57 16.21
CA PRO A 90 2.91 -12.84 16.46
C PRO A 90 3.29 -14.29 16.27
N TYR A 91 4.57 -14.48 15.98
CA TYR A 91 5.12 -15.80 15.70
C TYR A 91 5.35 -16.60 16.97
N VAL A 92 4.95 -17.89 16.94
CA VAL A 92 5.08 -18.80 18.07
C VAL A 92 5.84 -20.08 17.72
N GLY A 93 6.24 -20.28 16.46
CA GLY A 93 7.03 -21.43 16.05
C GLY A 93 6.43 -22.79 16.37
N GLN A 94 5.11 -22.93 16.20
CA GLN A 94 4.36 -24.13 16.47
C GLN A 94 3.03 -24.05 15.72
N ASP A 95 2.49 -25.21 15.38
CA ASP A 95 1.25 -25.23 14.62
C ASP A 95 0.05 -24.94 15.51
N GLU A 96 -0.97 -24.31 14.92
CA GLU A 96 -2.18 -23.94 15.65
C GLU A 96 -3.25 -23.62 14.61
N SER A 97 -4.43 -23.21 15.09
CA SER A 97 -5.54 -22.91 14.20
C SER A 97 -5.40 -21.53 13.56
N CYS A 98 -6.06 -21.38 12.40
CA CYS A 98 -6.07 -20.11 11.67
C CYS A 98 -6.78 -19.03 12.48
N MET A 99 -5.99 -18.19 13.13
CA MET A 99 -6.45 -17.04 13.89
C MET A 99 -6.47 -15.75 13.05
N TYR A 100 -6.63 -15.83 11.73
CA TYR A 100 -6.65 -14.62 10.91
C TYR A 100 -7.77 -13.66 11.30
N ASN A 101 -7.42 -12.37 11.25
CA ASN A 101 -8.31 -11.29 11.65
C ASN A 101 -8.26 -10.24 10.56
N ALA A 102 -9.40 -10.05 9.88
CA ALA A 102 -9.42 -9.22 8.69
C ALA A 102 -9.30 -7.74 8.98
N THR A 103 -9.55 -7.30 10.22
CA THR A 103 -9.31 -5.88 10.49
C THR A 103 -7.82 -5.64 10.66
N ALA A 104 -7.10 -6.62 11.20
CA ALA A 104 -5.65 -6.47 11.27
C ALA A 104 -4.96 -6.61 9.90
N LYS A 105 -5.70 -6.84 8.79
CA LYS A 105 -5.14 -6.77 7.43
C LYS A 105 -4.09 -5.67 7.32
N ALA A 106 -2.88 -6.05 6.93
CA ALA A 106 -1.79 -5.10 6.73
C ALA A 106 -1.27 -5.08 5.30
N ALA A 107 -1.55 -6.10 4.50
CA ALA A 107 -1.14 -6.09 3.11
C ALA A 107 -2.06 -7.05 2.35
N LYS A 108 -2.08 -6.90 1.02
CA LYS A 108 -2.86 -7.75 0.12
C LYS A 108 -1.97 -8.28 -1.00
N CYS A 109 -2.54 -9.17 -1.82
CA CYS A 109 -1.84 -9.80 -2.94
C CYS A 109 -2.77 -9.94 -4.14
N ARG A 110 -2.29 -9.55 -5.31
CA ARG A 110 -3.03 -9.68 -6.56
C ARG A 110 -2.54 -10.86 -7.40
N GLY A 111 -1.78 -11.78 -6.79
CA GLY A 111 -1.21 -12.91 -7.49
C GLY A 111 0.29 -12.93 -7.29
N TYR A 112 1.00 -13.62 -8.17
CA TYR A 112 2.45 -13.71 -8.04
C TYR A 112 3.01 -13.95 -9.44
N ARG A 113 4.31 -13.71 -9.57
CA ARG A 113 5.02 -13.96 -10.79
C ARG A 113 6.30 -14.67 -10.46
N GLU A 114 6.71 -15.58 -11.36
CA GLU A 114 7.90 -16.38 -11.15
C GLU A 114 9.00 -15.88 -12.07
N ILE A 115 10.21 -16.09 -11.61
CA ILE A 115 11.41 -15.70 -12.34
C ILE A 115 11.71 -16.87 -13.29
N PRO A 116 12.26 -16.65 -14.48
CA PRO A 116 12.70 -17.78 -15.30
C PRO A 116 13.71 -18.65 -14.58
N VAL A 117 13.46 -19.96 -14.60
CA VAL A 117 14.27 -20.92 -13.85
C VAL A 117 15.69 -20.95 -14.38
N GLY A 118 16.66 -20.77 -13.48
CA GLY A 118 18.05 -20.92 -13.87
C GLY A 118 18.64 -19.73 -14.57
N ASN A 119 18.01 -18.57 -14.44
CA ASN A 119 18.39 -17.40 -15.22
C ASN A 119 18.70 -16.33 -14.16
N GLU A 120 19.97 -16.29 -13.77
CA GLU A 120 20.39 -15.34 -12.76
C GLU A 120 20.29 -13.92 -13.30
N LYS A 121 20.64 -13.71 -14.58
CA LYS A 121 20.47 -12.39 -15.19
C LYS A 121 19.03 -11.88 -15.05
N ALA A 122 18.05 -12.79 -15.15
CA ALA A 122 16.65 -12.41 -14.95
C ALA A 122 16.35 -12.04 -13.50
N LEU A 123 16.76 -12.89 -12.55
CA LEU A 123 16.59 -12.59 -11.13
C LEU A 123 17.23 -11.26 -10.78
N LYS A 124 18.35 -10.93 -11.44
CA LYS A 124 19.02 -9.66 -11.18
C LYS A 124 18.05 -8.54 -11.54
N ARG A 125 17.37 -8.68 -12.69
CA ARG A 125 16.40 -7.67 -13.08
C ARG A 125 15.28 -7.56 -12.05
N ALA A 126 14.79 -8.69 -11.55
CA ALA A 126 13.68 -8.67 -10.59
C ALA A 126 14.06 -7.98 -9.30
N VAL A 127 15.24 -8.29 -8.75
CA VAL A 127 15.70 -7.63 -7.54
C VAL A 127 15.78 -6.12 -7.77
N ALA A 128 16.35 -5.72 -8.90
CA ALA A 128 16.52 -4.30 -9.15
C ALA A 128 15.17 -3.63 -9.42
N ARG A 129 14.34 -4.25 -10.27
CA ARG A 129 13.04 -3.70 -10.63
C ARG A 129 12.02 -3.88 -9.50
N VAL A 130 11.79 -5.13 -9.08
CA VAL A 130 10.68 -5.41 -8.16
C VAL A 130 11.06 -5.04 -6.72
N GLY A 131 12.11 -5.66 -6.21
CA GLY A 131 12.44 -5.60 -4.80
C GLY A 131 12.88 -6.96 -4.30
N PRO A 132 12.82 -7.18 -2.98
CA PRO A 132 13.29 -8.46 -2.45
C PRO A 132 12.48 -9.63 -2.98
N ILE A 133 13.17 -10.67 -3.43
CA ILE A 133 12.57 -11.81 -4.10
C ILE A 133 12.71 -13.03 -3.20
N SER A 134 11.58 -13.70 -2.93
CA SER A 134 11.61 -15.00 -2.26
C SER A 134 12.23 -16.07 -3.14
N VAL A 135 13.22 -16.79 -2.59
CA VAL A 135 13.91 -17.86 -3.29
C VAL A 135 14.13 -19.02 -2.34
N SER A 136 14.52 -20.15 -2.90
CA SER A 136 14.79 -21.38 -2.17
C SER A 136 16.18 -21.86 -2.58
N ILE A 137 16.97 -22.35 -1.61
CA ILE A 137 18.34 -22.77 -1.83
C ILE A 137 18.61 -24.10 -1.10
N ASP A 138 19.79 -24.67 -1.35
CA ASP A 138 20.29 -25.78 -0.55
C ASP A 138 21.11 -25.22 0.62
N ALA A 139 20.47 -25.14 1.79
CA ALA A 139 21.09 -24.68 3.02
C ALA A 139 21.43 -25.84 3.97
N SER A 140 21.61 -27.05 3.45
CA SER A 140 21.73 -28.23 4.30
C SER A 140 23.17 -28.51 4.69
N LEU A 141 24.14 -27.99 3.95
CA LEU A 141 25.54 -28.32 4.17
C LEU A 141 26.09 -27.56 5.37
N ALA A 142 27.14 -28.15 5.96
CA ALA A 142 27.77 -27.54 7.14
C ALA A 142 28.42 -26.21 6.79
N SER A 143 29.03 -26.09 5.61
CA SER A 143 29.66 -24.84 5.24
C SER A 143 28.67 -23.67 5.25
N PHE A 144 27.38 -23.93 4.99
CA PHE A 144 26.37 -22.88 5.08
C PHE A 144 25.89 -22.65 6.52
N GLN A 145 25.71 -23.74 7.27
CA GLN A 145 25.30 -23.61 8.67
C GLN A 145 26.31 -22.82 9.49
N PHE A 146 27.61 -23.02 9.24
CA PHE A 146 28.66 -22.35 10.01
C PHE A 146 29.22 -21.11 9.29
N TYR A 147 28.56 -20.67 8.21
CA TYR A 147 28.95 -19.42 7.54
C TYR A 147 28.98 -18.27 8.54
N SER A 148 29.97 -17.37 8.37
CA SER A 148 30.02 -16.15 9.17
C SER A 148 30.35 -14.92 8.32
N ARG A 149 31.23 -15.07 7.33
CA ARG A 149 31.70 -13.93 6.56
C ARG A 149 32.09 -14.42 5.17
N GLY A 150 32.13 -13.47 4.24
CA GLY A 150 32.59 -13.70 2.87
C GLY A 150 31.47 -14.12 1.94
N VAL A 151 31.85 -14.51 0.72
CA VAL A 151 30.92 -14.92 -0.33
C VAL A 151 30.84 -16.44 -0.34
N TYR A 152 29.73 -16.98 0.17
CA TYR A 152 29.55 -18.43 0.26
C TYR A 152 29.62 -19.06 -1.13
N TYR A 153 30.38 -20.15 -1.24
CA TYR A 153 30.46 -20.94 -2.47
C TYR A 153 30.98 -22.32 -2.15
N ASP A 154 30.14 -23.33 -2.37
CA ASP A 154 30.51 -24.73 -2.20
C ASP A 154 30.09 -25.45 -3.46
N GLU A 155 31.05 -26.06 -4.15
CA GLU A 155 30.70 -26.73 -5.40
C GLU A 155 29.82 -27.96 -5.17
N ASN A 156 29.67 -28.40 -3.92
CA ASN A 156 28.76 -29.47 -3.55
C ASN A 156 27.35 -28.98 -3.24
N CYS A 157 27.13 -27.67 -3.24
CA CYS A 157 25.78 -27.13 -3.04
C CYS A 157 24.88 -27.65 -4.15
N ASP A 158 23.74 -28.23 -3.76
CA ASP A 158 22.90 -28.91 -4.72
C ASP A 158 22.17 -27.88 -5.56
N ARG A 159 22.53 -27.82 -6.85
CA ARG A 159 21.88 -26.94 -7.79
C ARG A 159 20.49 -27.44 -8.18
N ASP A 160 20.18 -28.72 -7.92
CA ASP A 160 18.99 -29.35 -8.47
C ASP A 160 17.85 -29.58 -7.48
N ASN A 161 18.13 -29.63 -6.17
CA ASN A 161 17.09 -29.91 -5.18
C ASN A 161 17.30 -28.96 -4.02
N VAL A 162 16.59 -27.83 -4.03
CA VAL A 162 16.65 -26.90 -2.93
C VAL A 162 15.81 -27.42 -1.77
N ASN A 163 16.07 -26.87 -0.55
CA ASN A 163 15.40 -27.35 0.64
C ASN A 163 15.09 -26.29 1.69
N HIS A 164 15.35 -25.01 1.45
CA HIS A 164 15.21 -24.03 2.52
C HIS A 164 14.97 -22.69 1.85
N ALA A 165 14.02 -21.95 2.40
CA ALA A 165 13.62 -20.67 1.81
C ALA A 165 14.36 -19.53 2.47
N VAL A 166 14.81 -18.61 1.64
CA VAL A 166 15.40 -17.38 2.07
C VAL A 166 14.81 -16.25 1.22
N LEU A 167 15.32 -15.04 1.44
CA LEU A 167 14.79 -13.84 0.81
C LEU A 167 15.97 -13.09 0.22
N VAL A 168 16.00 -12.97 -1.10
CA VAL A 168 17.08 -12.23 -1.72
C VAL A 168 16.74 -10.76 -1.58
N VAL A 169 17.63 -10.00 -0.95
CA VAL A 169 17.39 -8.60 -0.64
C VAL A 169 18.41 -7.70 -1.33
N GLY A 170 19.06 -8.19 -2.37
CA GLY A 170 20.04 -7.38 -3.06
C GLY A 170 21.04 -8.23 -3.79
N TYR A 171 21.99 -7.52 -4.40
CA TYR A 171 23.10 -8.16 -5.09
C TYR A 171 24.20 -7.12 -5.18
N GLY A 172 25.38 -7.59 -5.54
CA GLY A 172 26.53 -6.71 -5.66
C GLY A 172 27.77 -7.53 -5.80
N THR A 173 28.86 -6.96 -5.32
CA THR A 173 30.17 -7.55 -5.56
C THR A 173 31.04 -7.23 -4.36
N GLN A 174 31.76 -8.23 -3.88
CA GLN A 174 32.69 -8.05 -2.77
C GLN A 174 33.96 -8.82 -3.13
N LYS A 175 35.12 -8.14 -3.02
CA LYS A 175 36.42 -8.71 -3.37
C LYS A 175 36.39 -9.42 -4.72
N GLY A 176 35.72 -8.79 -5.69
CA GLY A 176 35.70 -9.31 -7.05
C GLY A 176 34.86 -10.54 -7.25
N SER A 177 34.05 -10.94 -6.27
CA SER A 177 33.15 -12.08 -6.38
C SER A 177 31.72 -11.57 -6.41
N LYS A 178 31.06 -11.71 -7.55
CA LYS A 178 29.68 -11.26 -7.65
C LYS A 178 28.83 -12.13 -6.73
N HIS A 179 27.76 -11.54 -6.18
CA HIS A 179 27.03 -12.24 -5.14
C HIS A 179 25.58 -11.79 -5.07
N TRP A 180 24.78 -12.63 -4.41
CA TRP A 180 23.44 -12.33 -3.94
C TRP A 180 23.47 -11.98 -2.45
N ILE A 181 22.55 -11.13 -2.01
CA ILE A 181 22.38 -10.80 -0.58
C ILE A 181 21.09 -11.45 -0.10
N ILE A 182 21.18 -12.29 0.93
CA ILE A 182 20.02 -13.03 1.41
C ILE A 182 19.76 -12.73 2.88
N LYS A 183 18.49 -12.69 3.26
CA LYS A 183 18.05 -12.64 4.65
C LYS A 183 17.62 -14.05 5.05
N ASN A 184 18.31 -14.64 6.01
CA ASN A 184 17.94 -15.94 6.55
C ASN A 184 17.01 -15.76 7.75
N SER A 185 16.43 -16.87 8.20
CA SER A 185 15.50 -16.90 9.34
C SER A 185 16.06 -17.72 10.51
N TRP A 186 17.38 -17.65 10.70
CA TRP A 186 18.12 -18.40 11.71
C TRP A 186 18.65 -17.49 12.82
N GLY A 187 18.02 -16.34 13.02
CA GLY A 187 18.46 -15.41 14.03
C GLY A 187 19.68 -14.62 13.59
N GLU A 188 20.02 -13.62 14.39
CA GLU A 188 21.16 -12.75 14.10
C GLU A 188 22.48 -13.41 14.46
N SER A 189 22.47 -14.44 15.31
CA SER A 189 23.68 -15.18 15.64
C SER A 189 24.29 -15.91 14.43
N TRP A 190 23.45 -16.28 13.45
CA TRP A 190 23.96 -16.97 12.28
C TRP A 190 24.52 -16.00 11.24
N GLY A 191 25.64 -16.40 10.63
CA GLY A 191 26.16 -15.64 9.50
C GLY A 191 26.63 -14.26 9.94
N ASN A 192 26.30 -13.26 9.13
CA ASN A 192 26.72 -11.88 9.31
C ASN A 192 25.46 -11.13 9.74
N LYS A 193 25.20 -11.15 11.06
CA LYS A 193 23.98 -10.55 11.62
C LYS A 193 22.71 -11.11 10.98
N GLY A 194 22.75 -12.40 10.62
CA GLY A 194 21.61 -13.09 10.07
C GLY A 194 21.54 -13.11 8.56
N TYR A 195 22.44 -12.42 7.88
CA TYR A 195 22.49 -12.36 6.42
C TYR A 195 23.69 -13.13 5.91
N ALA A 196 23.71 -13.34 4.60
CA ALA A 196 24.85 -13.97 3.94
C ALA A 196 24.94 -13.42 2.53
N LEU A 197 26.05 -13.78 1.89
CA LEU A 197 26.29 -13.47 0.48
C LEU A 197 26.59 -14.77 -0.25
N LEU A 198 25.79 -15.07 -1.28
CA LEU A 198 25.93 -16.31 -2.04
C LEU A 198 26.52 -16.00 -3.41
N ALA A 199 27.35 -16.92 -3.88
CA ALA A 199 27.98 -16.79 -5.19
C ALA A 199 26.93 -16.52 -6.27
N ARG A 200 27.24 -15.57 -7.15
CA ARG A 200 26.35 -15.15 -8.21
C ARG A 200 27.07 -15.23 -9.55
N ASN A 201 26.29 -15.58 -10.56
CA ASN A 201 26.81 -15.85 -11.89
C ASN A 201 27.91 -16.91 -11.85
N LYS A 202 27.67 -17.94 -11.05
CA LYS A 202 28.54 -19.11 -10.94
C LYS A 202 27.64 -20.33 -11.03
N ASN A 203 26.85 -20.31 -12.11
CA ASN A 203 26.09 -21.46 -12.57
C ASN A 203 24.97 -21.84 -11.60
N ASN A 204 24.22 -20.82 -11.16
CA ASN A 204 23.03 -21.05 -10.36
C ASN A 204 23.38 -21.73 -9.03
N ALA A 205 24.34 -21.15 -8.32
CA ALA A 205 24.83 -21.74 -7.08
C ALA A 205 23.70 -21.97 -6.08
N CYS A 206 23.65 -23.20 -5.56
CA CYS A 206 22.67 -23.64 -4.56
C CYS A 206 21.24 -23.57 -5.11
N GLY A 207 21.07 -23.52 -6.42
CA GLY A 207 19.74 -23.49 -7.01
C GLY A 207 18.97 -22.22 -6.67
N ILE A 208 19.68 -21.10 -6.61
CA ILE A 208 19.10 -19.84 -6.13
C ILE A 208 17.87 -19.45 -6.97
N THR A 209 17.93 -19.69 -8.28
CA THR A 209 16.84 -19.35 -9.18
C THR A 209 15.98 -20.55 -9.52
N ASN A 210 16.12 -21.63 -8.77
CA ASN A 210 15.36 -22.82 -9.11
C ASN A 210 13.89 -22.59 -8.86
N MET A 211 13.57 -21.78 -7.85
CA MET A 211 12.20 -21.58 -7.47
C MET A 211 12.05 -20.22 -6.78
N ALA A 212 12.09 -19.17 -7.59
CA ALA A 212 12.02 -17.81 -7.08
C ALA A 212 10.73 -17.17 -7.56
N SER A 213 10.14 -16.33 -6.71
CA SER A 213 8.86 -15.69 -6.97
C SER A 213 8.79 -14.46 -6.10
N PHE A 214 7.78 -13.63 -6.36
CA PHE A 214 7.46 -12.48 -5.54
C PHE A 214 5.97 -12.24 -5.66
N PRO A 215 5.35 -11.55 -4.69
CA PRO A 215 3.91 -11.31 -4.79
C PRO A 215 3.60 -10.07 -5.58
N LYS A 216 2.41 -10.08 -6.19
CA LYS A 216 1.90 -8.93 -6.92
C LYS A 216 0.94 -8.18 -6.02
N MET A 217 0.98 -6.86 -6.12
CA MET A 217 0.20 -6.01 -5.24
C MET A 217 -0.47 -4.85 -5.97
N VAL B 3 -20.87 -1.97 -13.94
CA VAL B 3 -21.29 -0.62 -13.44
C VAL B 3 -22.53 -0.74 -12.54
N PRO B 4 -22.34 -0.94 -11.22
CA PRO B 4 -23.51 -1.18 -10.34
C PRO B 4 -24.44 0.02 -10.28
N ASP B 5 -25.68 -0.25 -9.83
CA ASP B 5 -26.63 0.83 -9.57
C ASP B 5 -26.33 1.63 -8.31
N SER B 6 -25.56 1.09 -7.37
CA SER B 6 -25.44 1.74 -6.07
C SER B 6 -24.16 1.29 -5.39
N ILE B 7 -23.46 2.24 -4.78
CA ILE B 7 -22.23 1.94 -4.06
C ILE B 7 -22.07 2.99 -2.98
N ASP B 8 -21.48 2.56 -1.87
CA ASP B 8 -21.33 3.38 -0.68
C ASP B 8 -20.02 2.91 -0.04
N TYR B 9 -18.93 3.61 -0.31
CA TYR B 9 -17.64 3.12 0.15
C TYR B 9 -17.46 3.23 1.65
N ARG B 10 -18.36 3.92 2.35
CA ARG B 10 -18.38 3.83 3.81
C ARG B 10 -18.64 2.39 4.25
N LYS B 11 -19.68 1.77 3.65
CA LYS B 11 -20.04 0.39 3.97
C LYS B 11 -18.83 -0.52 3.86
N LYS B 12 -17.95 -0.24 2.89
CA LYS B 12 -16.89 -1.16 2.52
C LYS B 12 -15.58 -0.85 3.24
N GLY B 13 -15.60 0.01 4.26
CA GLY B 13 -14.40 0.32 5.03
C GLY B 13 -13.39 1.24 4.37
N TYR B 14 -13.79 2.05 3.39
CA TYR B 14 -12.88 2.88 2.60
C TYR B 14 -12.76 4.33 3.03
N VAL B 15 -13.57 4.80 3.99
CA VAL B 15 -13.68 6.23 4.31
C VAL B 15 -13.34 6.41 5.78
N THR B 16 -12.50 7.42 6.07
CA THR B 16 -12.13 7.77 7.43
C THR B 16 -13.19 8.67 8.02
N PRO B 17 -13.13 8.94 9.33
CA PRO B 17 -14.17 9.79 9.92
C PRO B 17 -14.12 11.22 9.43
N VAL B 18 -15.33 11.79 9.31
CA VAL B 18 -15.50 13.19 9.00
C VAL B 18 -14.65 14.00 9.98
N LYS B 19 -13.96 15.01 9.48
CA LYS B 19 -13.22 15.96 10.31
C LYS B 19 -13.81 17.35 10.11
N ASN B 20 -13.28 18.33 10.85
CA ASN B 20 -13.75 19.71 10.81
C ASN B 20 -12.56 20.60 10.49
N GLN B 21 -12.58 21.21 9.30
CA GLN B 21 -11.50 22.09 8.87
C GLN B 21 -11.46 23.41 9.63
N GLY B 22 -12.56 23.81 10.29
CA GLY B 22 -12.50 25.01 11.10
C GLY B 22 -12.48 26.26 10.23
N GLN B 23 -11.74 27.28 10.66
CA GLN B 23 -11.64 28.53 9.90
C GLN B 23 -10.50 28.53 8.89
N CYS B 24 -9.75 27.44 8.76
CA CYS B 24 -8.77 27.31 7.69
C CYS B 24 -9.41 26.85 6.39
N GLY B 25 -8.94 27.42 5.28
CA GLY B 25 -9.47 27.12 3.97
C GLY B 25 -8.68 25.99 3.33
N SER B 26 -8.85 24.78 3.86
CA SER B 26 -8.01 23.64 3.51
C SER B 26 -8.85 22.46 3.03
N CYS B 27 -10.04 22.77 2.49
CA CYS B 27 -10.90 21.76 1.88
C CYS B 27 -10.13 20.87 0.88
N TRP B 28 -9.27 21.46 0.05
CA TRP B 28 -8.52 20.69 -0.95
C TRP B 28 -7.70 19.56 -0.33
N ALA B 29 -7.17 19.75 0.88
CA ALA B 29 -6.32 18.74 1.51
C ALA B 29 -7.13 17.58 2.08
N PHE B 30 -8.33 17.84 2.58
CA PHE B 30 -9.17 16.76 3.04
C PHE B 30 -9.66 15.89 1.90
N SER B 31 -9.98 16.49 0.75
CA SER B 31 -10.38 15.69 -0.42
C SER B 31 -9.23 14.81 -0.91
N SER B 32 -8.03 15.39 -1.04
CA SER B 32 -6.85 14.62 -1.45
C SER B 32 -6.63 13.45 -0.52
N ALA B 33 -6.35 13.72 0.76
CA ALA B 33 -6.16 12.65 1.73
C ALA B 33 -7.30 11.64 1.71
N GLY B 34 -8.53 12.10 1.45
CA GLY B 34 -9.64 11.16 1.37
C GLY B 34 -9.56 10.23 0.18
N ALA B 35 -9.19 10.75 -1.00
CA ALA B 35 -9.07 9.88 -2.16
C ALA B 35 -7.90 8.94 -2.00
N LEU B 36 -6.82 9.43 -1.39
CA LEU B 36 -5.65 8.62 -1.14
C LEU B 36 -5.91 7.59 -0.05
N GLU B 37 -6.73 7.92 0.95
CA GLU B 37 -7.14 6.93 1.94
C GLU B 37 -7.82 5.75 1.25
N GLY B 38 -8.74 6.06 0.32
CA GLY B 38 -9.45 5.00 -0.38
C GLY B 38 -8.51 4.10 -1.16
N GLN B 39 -7.55 4.70 -1.87
CA GLN B 39 -6.66 3.91 -2.71
C GLN B 39 -5.64 3.14 -1.87
N LEU B 40 -5.19 3.70 -0.75
CA LEU B 40 -4.35 2.95 0.18
C LEU B 40 -5.11 1.73 0.71
N LYS B 41 -6.39 1.91 1.03
CA LYS B 41 -7.20 0.77 1.44
C LYS B 41 -7.31 -0.26 0.32
N LYS B 42 -7.43 0.19 -0.94
CA LYS B 42 -7.60 -0.76 -2.03
C LYS B 42 -6.32 -1.56 -2.28
N LYS B 43 -5.16 -0.93 -2.11
CA LYS B 43 -3.88 -1.60 -2.40
C LYS B 43 -3.47 -2.46 -1.22
N THR B 44 -3.87 -2.04 -0.03
CA THR B 44 -3.47 -2.65 1.21
C THR B 44 -4.80 -3.16 1.69
N GLY B 45 -4.92 -3.43 2.96
CA GLY B 45 -6.15 -3.89 3.57
C GLY B 45 -6.57 -2.89 4.65
N LYS B 46 -5.63 -2.02 5.04
CA LYS B 46 -5.80 -1.03 6.10
C LYS B 46 -6.30 0.33 5.66
N LEU B 47 -7.20 0.87 6.48
CA LEU B 47 -7.75 2.21 6.32
C LEU B 47 -6.99 3.09 7.30
N LEU B 48 -6.31 4.11 6.80
CA LEU B 48 -5.47 4.96 7.62
C LEU B 48 -5.64 6.41 7.23
N ALA B 49 -6.03 7.22 8.19
CA ALA B 49 -6.25 8.64 7.94
C ALA B 49 -4.90 9.31 7.71
N LEU B 50 -4.76 9.92 6.54
CA LEU B 50 -3.53 10.56 6.13
C LEU B 50 -3.62 12.04 6.49
N SER B 51 -2.52 12.77 6.30
CA SER B 51 -2.38 14.08 6.89
C SER B 51 -2.72 15.18 5.89
N PRO B 52 -3.84 15.89 6.03
CA PRO B 52 -4.02 17.11 5.22
C PRO B 52 -3.08 18.21 5.63
N GLN B 53 -2.73 18.29 6.92
CA GLN B 53 -1.75 19.27 7.35
C GLN B 53 -0.44 19.11 6.61
N ASN B 54 -0.05 17.86 6.35
CA ASN B 54 1.12 17.58 5.52
C ASN B 54 1.03 18.37 4.21
N LEU B 55 -0.12 18.27 3.55
CA LEU B 55 -0.30 18.93 2.27
C LEU B 55 -0.45 20.44 2.42
N VAL B 56 -1.19 20.89 3.43
CA VAL B 56 -1.39 22.31 3.69
C VAL B 56 -0.05 23.02 3.81
N ASP B 57 0.88 22.40 4.52
CA ASP B 57 2.15 23.04 4.83
C ASP B 57 3.13 22.97 3.66
N CYS B 58 3.05 21.92 2.84
CA CYS B 58 4.16 21.52 1.97
C CYS B 58 3.91 21.68 0.48
N VAL B 59 2.67 21.66 0.01
CA VAL B 59 2.37 21.88 -1.40
C VAL B 59 2.64 23.34 -1.75
N THR B 60 3.89 23.65 -2.15
CA THR B 60 4.29 25.05 -2.33
C THR B 60 3.48 25.74 -3.42
N GLU B 61 3.11 25.01 -4.47
CA GLU B 61 2.28 25.55 -5.55
C GLU B 61 0.83 25.75 -5.13
N ASN B 62 0.50 25.52 -3.87
CA ASN B 62 -0.80 25.89 -3.32
C ASN B 62 -0.60 26.98 -2.28
N TYR B 63 -1.74 27.47 -1.80
CA TYR B 63 -1.78 28.63 -0.94
C TYR B 63 -2.11 28.28 0.51
N GLY B 64 -1.76 27.07 0.94
CA GLY B 64 -1.92 26.70 2.34
C GLY B 64 -3.38 26.84 2.73
N CYS B 65 -3.64 27.53 3.84
CA CYS B 65 -5.02 27.73 4.29
C CYS B 65 -5.86 28.60 3.36
N GLY B 66 -5.28 29.19 2.30
CA GLY B 66 -6.02 30.05 1.41
C GLY B 66 -6.39 29.40 0.09
N GLY B 67 -6.37 28.09 0.03
CA GLY B 67 -6.88 27.36 -1.12
C GLY B 67 -5.80 26.53 -1.78
N GLY B 68 -6.24 25.71 -2.73
CA GLY B 68 -5.33 24.85 -3.45
C GLY B 68 -6.11 23.90 -4.33
N TYR B 69 -5.35 23.02 -4.99
CA TYR B 69 -5.91 22.04 -5.91
C TYR B 69 -5.58 20.61 -5.48
N MET B 70 -6.48 19.68 -5.80
CA MET B 70 -6.19 18.28 -5.55
C MET B 70 -5.16 17.73 -6.51
N THR B 71 -5.25 18.09 -7.80
CA THR B 71 -4.33 17.53 -8.78
C THR B 71 -2.88 17.89 -8.43
N THR B 72 -2.67 19.09 -7.90
CA THR B 72 -1.32 19.47 -7.49
C THR B 72 -0.93 18.86 -6.16
N ALA B 73 -1.90 18.60 -5.29
CA ALA B 73 -1.64 17.85 -4.07
C ALA B 73 -1.13 16.45 -4.39
N PHE B 74 -1.83 15.76 -5.30
CA PHE B 74 -1.40 14.43 -5.72
C PHE B 74 0.02 14.48 -6.26
N GLN B 75 0.32 15.50 -7.06
CA GLN B 75 1.63 15.59 -7.68
C GLN B 75 2.69 15.83 -6.63
N TYR B 76 2.35 16.60 -5.60
CA TYR B 76 3.29 16.78 -4.49
C TYR B 76 3.64 15.42 -3.88
N VAL B 77 2.62 14.66 -3.47
CA VAL B 77 2.88 13.38 -2.82
C VAL B 77 3.62 12.43 -3.76
N GLN B 78 3.37 12.55 -5.06
CA GLN B 78 4.12 11.75 -6.02
C GLN B 78 5.59 12.16 -6.03
N GLN B 79 5.84 13.44 -6.29
CA GLN B 79 7.20 13.94 -6.40
C GLN B 79 7.90 13.94 -5.05
N ASN B 80 7.16 14.25 -3.99
CA ASN B 80 7.71 14.16 -2.65
C ASN B 80 7.99 12.71 -2.28
N GLY B 81 7.36 11.75 -2.97
CA GLY B 81 7.63 10.37 -2.68
C GLY B 81 7.01 9.90 -1.40
N GLY B 82 5.98 10.59 -0.91
CA GLY B 82 5.32 10.15 0.30
C GLY B 82 4.47 11.22 0.90
N ILE B 83 3.58 10.78 1.79
CA ILE B 83 2.74 11.64 2.60
C ILE B 83 2.63 11.00 3.97
N ASP B 84 2.67 11.82 5.01
CA ASP B 84 2.65 11.30 6.37
C ASP B 84 1.22 11.02 6.81
N SER B 85 1.11 10.28 7.91
CA SER B 85 -0.18 9.96 8.48
C SER B 85 -0.66 11.08 9.38
N GLU B 86 -1.98 11.19 9.51
CA GLU B 86 -2.54 12.19 10.43
C GLU B 86 -1.97 12.03 11.84
N ASP B 87 -1.77 10.79 12.29
CA ASP B 87 -1.17 10.58 13.62
C ASP B 87 0.23 11.19 13.66
N ALA B 88 1.02 10.98 12.62
CA ALA B 88 2.36 11.54 12.58
C ALA B 88 2.33 13.07 12.48
N TYR B 89 1.35 13.62 11.76
CA TYR B 89 1.33 15.03 11.36
C TYR B 89 -0.09 15.57 11.56
N PRO B 90 -0.52 15.71 12.82
CA PRO B 90 -1.93 16.02 13.09
C PRO B 90 -2.34 17.39 12.59
N TYR B 91 -3.63 17.53 12.32
CA TYR B 91 -4.16 18.76 11.77
C TYR B 91 -4.28 19.78 12.90
N VAL B 92 -3.84 21.01 12.60
CA VAL B 92 -3.86 22.12 13.55
C VAL B 92 -4.60 23.34 13.01
N GLY B 93 -5.07 23.29 11.77
CA GLY B 93 -5.86 24.35 11.14
C GLY B 93 -5.28 25.75 11.06
N GLN B 94 -3.98 25.86 10.76
CA GLN B 94 -3.31 27.15 10.63
C GLN B 94 -2.04 26.89 9.84
N ASP B 95 -1.58 27.91 9.11
CA ASP B 95 -0.40 27.77 8.25
C ASP B 95 0.90 27.76 9.03
N GLU B 96 1.88 27.03 8.47
CA GLU B 96 3.17 26.88 9.10
C GLU B 96 4.13 26.35 8.04
N SER B 97 5.36 26.09 8.46
CA SER B 97 6.40 25.58 7.58
C SER B 97 6.22 24.08 7.37
N CYS B 98 6.75 23.59 6.26
CA CYS B 98 6.68 22.16 5.96
C CYS B 98 7.45 21.36 7.01
N MET B 99 6.69 20.79 7.96
CA MET B 99 7.20 19.92 9.02
C MET B 99 7.16 18.45 8.61
N TYR B 100 7.23 18.17 7.32
CA TYR B 100 7.20 16.80 6.82
C TYR B 100 8.35 15.98 7.37
N ASN B 101 8.07 14.71 7.66
CA ASN B 101 9.01 13.78 8.26
C ASN B 101 8.90 12.54 7.40
N ALA B 102 9.98 12.22 6.67
CA ALA B 102 9.92 11.19 5.64
C ALA B 102 9.86 9.79 6.23
N THR B 103 10.20 9.62 7.50
CA THR B 103 10.05 8.30 8.11
C THR B 103 8.62 7.95 8.52
N ALA B 104 7.81 8.92 8.97
CA ALA B 104 6.41 8.63 9.26
C ALA B 104 5.51 8.42 8.03
N LYS B 105 6.09 8.48 6.84
CA LYS B 105 5.47 8.10 5.56
C LYS B 105 4.53 6.92 5.67
N ALA B 106 3.27 7.13 5.26
CA ALA B 106 2.24 6.10 5.27
C ALA B 106 1.66 5.74 3.91
N ALA B 107 1.84 6.57 2.88
CA ALA B 107 1.35 6.22 1.55
C ALA B 107 2.18 6.95 0.49
N LYS B 108 2.06 6.47 -0.75
CA LYS B 108 2.74 7.04 -1.90
C LYS B 108 1.75 7.30 -3.03
N CYS B 109 2.25 7.94 -4.09
CA CYS B 109 1.45 8.31 -5.25
C CYS B 109 2.26 8.12 -6.52
N ARG B 110 1.64 7.47 -7.51
CA ARG B 110 2.23 7.25 -8.83
C ARG B 110 1.64 8.18 -9.89
N GLY B 111 0.95 9.25 -9.48
CA GLY B 111 0.32 10.18 -10.40
C GLY B 111 -1.16 10.38 -10.15
N TYR B 112 -1.88 10.86 -11.17
CA TYR B 112 -3.30 11.12 -11.04
C TYR B 112 -3.91 11.07 -12.43
N ARG B 113 -5.23 10.94 -12.48
CA ARG B 113 -5.98 11.02 -13.71
C ARG B 113 -7.18 11.89 -13.42
N GLU B 114 -7.61 12.65 -14.42
CA GLU B 114 -8.72 13.57 -14.26
C GLU B 114 -9.92 13.00 -14.99
N ILE B 115 -11.10 13.36 -14.49
CA ILE B 115 -12.35 12.88 -15.04
C ILE B 115 -12.67 13.79 -16.22
N PRO B 116 -13.29 13.29 -17.30
CA PRO B 116 -13.73 14.21 -18.35
C PRO B 116 -14.71 15.23 -17.79
N VAL B 117 -14.46 16.51 -18.09
CA VAL B 117 -15.25 17.60 -17.53
C VAL B 117 -16.68 17.51 -18.06
N GLY B 118 -17.65 17.52 -17.14
CA GLY B 118 -19.04 17.56 -17.54
C GLY B 118 -19.67 16.24 -17.92
N ASN B 119 -19.08 15.12 -17.51
CA ASN B 119 -19.49 13.78 -17.94
C ASN B 119 -19.83 13.03 -16.65
N GLU B 120 -21.09 13.14 -16.24
CA GLU B 120 -21.53 12.48 -15.02
C GLU B 120 -21.50 10.96 -15.17
N LYS B 121 -21.90 10.46 -16.34
CA LYS B 121 -21.81 9.05 -16.64
C LYS B 121 -20.39 8.52 -16.44
N ALA B 122 -19.38 9.33 -16.76
CA ALA B 122 -17.99 8.92 -16.55
C ALA B 122 -17.65 8.85 -15.06
N LEU B 123 -17.96 9.90 -14.30
CA LEU B 123 -17.72 9.88 -12.86
C LEU B 123 -18.41 8.69 -12.18
N LYS B 124 -19.59 8.27 -12.69
CA LYS B 124 -20.26 7.13 -12.07
C LYS B 124 -19.40 5.88 -12.16
N ARG B 125 -18.85 5.61 -13.34
CA ARG B 125 -17.96 4.46 -13.51
C ARG B 125 -16.69 4.60 -12.69
N ALA B 126 -16.11 5.80 -12.64
CA ALA B 126 -14.86 6.02 -11.92
C ALA B 126 -14.99 5.73 -10.43
N VAL B 127 -16.07 6.20 -9.80
CA VAL B 127 -16.29 5.91 -8.38
C VAL B 127 -16.37 4.40 -8.18
N ALA B 128 -17.10 3.71 -9.06
CA ALA B 128 -17.29 2.26 -8.93
C ALA B 128 -15.98 1.51 -9.17
N ARG B 129 -15.25 1.87 -10.23
CA ARG B 129 -14.01 1.17 -10.55
C ARG B 129 -12.88 1.55 -9.58
N VAL B 130 -12.57 2.84 -9.49
CA VAL B 130 -11.38 3.28 -8.76
C VAL B 130 -11.67 3.26 -7.25
N GLY B 131 -12.67 4.01 -6.83
CA GLY B 131 -12.90 4.28 -5.43
C GLY B 131 -13.31 5.73 -5.23
N PRO B 132 -13.16 6.25 -4.01
CA PRO B 132 -13.61 7.62 -3.75
C PRO B 132 -12.83 8.62 -4.60
N ILE B 133 -13.58 9.53 -5.23
CA ILE B 133 -13.05 10.48 -6.20
C ILE B 133 -13.12 11.89 -5.61
N SER B 134 -11.98 12.57 -5.59
CA SER B 134 -11.91 14.00 -5.26
C SER B 134 -12.60 14.87 -6.28
N VAL B 135 -13.49 15.75 -5.82
CA VAL B 135 -14.23 16.67 -6.69
C VAL B 135 -14.29 18.05 -6.07
N SER B 136 -14.71 19.01 -6.89
CA SER B 136 -14.82 20.43 -6.55
C SER B 136 -16.26 20.82 -6.84
N ILE B 137 -16.85 21.64 -5.98
CA ILE B 137 -18.25 22.02 -6.08
C ILE B 137 -18.42 23.51 -5.80
N ASP B 138 -19.65 23.97 -6.05
CA ASP B 138 -20.14 25.27 -5.62
C ASP B 138 -20.75 25.12 -4.23
N ALA B 139 -19.98 25.48 -3.21
CA ALA B 139 -20.44 25.45 -1.82
C ALA B 139 -20.75 26.84 -1.29
N SER B 140 -21.04 27.79 -2.19
CA SER B 140 -21.15 29.19 -1.82
C SER B 140 -22.55 29.59 -1.40
N LEU B 141 -23.57 28.83 -1.80
CA LEU B 141 -24.93 29.22 -1.49
C LEU B 141 -25.25 28.91 -0.05
N ALA B 142 -26.19 29.68 0.51
CA ALA B 142 -26.57 29.42 1.89
C ALA B 142 -27.24 28.05 2.01
N SER B 143 -28.07 27.69 1.02
CA SER B 143 -28.76 26.41 1.01
C SER B 143 -27.84 25.20 1.07
N PHE B 144 -26.62 25.31 0.54
CA PHE B 144 -25.66 24.21 0.65
C PHE B 144 -24.93 24.17 1.99
N GLN B 145 -24.54 25.33 2.53
CA GLN B 145 -23.87 25.35 3.83
C GLN B 145 -24.72 24.76 4.94
N PHE B 146 -26.02 25.03 4.93
CA PHE B 146 -26.91 24.62 6.00
C PHE B 146 -27.71 23.34 5.68
N TYR B 147 -27.32 22.62 4.62
CA TYR B 147 -27.92 21.33 4.27
C TYR B 147 -27.98 20.38 5.44
N SER B 148 -29.07 19.61 5.52
CA SER B 148 -29.21 18.56 6.52
C SER B 148 -29.77 17.25 5.97
N ARG B 149 -30.72 17.30 5.02
CA ARG B 149 -31.38 16.08 4.58
C ARG B 149 -31.84 16.20 3.14
N GLY B 150 -32.03 15.04 2.52
CA GLY B 150 -32.58 14.91 1.17
C GLY B 150 -31.51 14.95 0.09
N VAL B 151 -32.01 15.02 -1.14
CA VAL B 151 -31.16 15.05 -2.34
C VAL B 151 -31.05 16.53 -2.72
N TYR B 152 -29.89 17.13 -2.42
CA TYR B 152 -29.69 18.55 -2.66
C TYR B 152 -29.85 18.89 -4.15
N TYR B 153 -30.59 19.95 -4.43
CA TYR B 153 -30.76 20.46 -5.79
C TYR B 153 -31.22 21.90 -5.67
N ASP B 154 -30.38 22.83 -6.14
CA ASP B 154 -30.68 24.25 -6.17
C ASP B 154 -30.39 24.76 -7.58
N GLU B 155 -31.42 25.28 -8.26
CA GLU B 155 -31.25 25.74 -9.63
C GLU B 155 -30.32 26.95 -9.76
N ASN B 156 -30.00 27.64 -8.66
CA ASN B 156 -29.03 28.72 -8.66
C ASN B 156 -27.59 28.25 -8.45
N CYS B 157 -27.40 26.97 -8.14
CA CYS B 157 -26.04 26.43 -7.99
C CYS B 157 -25.28 26.60 -9.31
N ASP B 158 -24.10 27.18 -9.23
CA ASP B 158 -23.38 27.55 -10.43
C ASP B 158 -22.78 26.31 -11.06
N ARG B 159 -23.29 25.96 -12.25
CA ARG B 159 -22.79 24.84 -13.01
C ARG B 159 -21.43 25.13 -13.63
N ASP B 160 -21.03 26.41 -13.67
CA ASP B 160 -19.87 26.87 -14.44
C ASP B 160 -18.65 27.20 -13.59
N ASN B 161 -18.80 27.45 -12.29
CA ASN B 161 -17.70 27.84 -11.41
C ASN B 161 -17.80 27.07 -10.10
N VAL B 162 -16.65 26.65 -9.54
CA VAL B 162 -16.59 25.96 -8.26
C VAL B 162 -15.66 26.70 -7.30
N ASN B 163 -15.83 26.39 -5.99
CA ASN B 163 -15.07 27.07 -4.95
C ASN B 163 -14.72 26.22 -3.73
N HIS B 164 -14.99 24.93 -3.70
CA HIS B 164 -14.83 24.18 -2.46
C HIS B 164 -14.62 22.71 -2.82
N ALA B 165 -13.65 22.08 -2.16
CA ALA B 165 -13.29 20.69 -2.43
C ALA B 165 -13.98 19.73 -1.46
N VAL B 166 -14.51 18.64 -2.02
CA VAL B 166 -15.07 17.51 -1.27
C VAL B 166 -14.64 16.19 -1.87
N LEU B 167 -15.18 15.09 -1.34
CA LEU B 167 -14.78 13.72 -1.70
C LEU B 167 -16.05 12.92 -2.01
N VAL B 168 -16.22 12.49 -3.25
CA VAL B 168 -17.37 11.67 -3.62
C VAL B 168 -17.08 10.23 -3.19
N VAL B 169 -17.95 9.66 -2.36
CA VAL B 169 -17.73 8.32 -1.80
C VAL B 169 -18.82 7.33 -2.21
N GLY B 170 -19.56 7.62 -3.27
CA GLY B 170 -20.60 6.71 -3.73
C GLY B 170 -21.65 7.44 -4.53
N TYR B 171 -22.64 6.65 -4.94
CA TYR B 171 -23.79 7.18 -5.67
C TYR B 171 -24.93 6.17 -5.51
N GLY B 172 -26.12 6.61 -5.88
CA GLY B 172 -27.30 5.76 -5.75
C GLY B 172 -28.55 6.58 -5.94
N THR B 173 -29.62 6.15 -5.28
CA THR B 173 -30.96 6.71 -5.50
C THR B 173 -31.74 6.62 -4.20
N GLN B 174 -32.43 7.71 -3.86
CA GLN B 174 -33.28 7.80 -2.68
C GLN B 174 -34.58 8.51 -3.09
N LYS B 175 -35.72 7.91 -2.75
CA LYS B 175 -37.05 8.42 -3.14
C LYS B 175 -37.09 8.80 -4.62
N GLY B 176 -36.51 7.94 -5.45
CA GLY B 176 -36.54 8.10 -6.90
C GLY B 176 -35.67 9.21 -7.46
N SER B 177 -34.79 9.81 -6.64
CA SER B 177 -33.89 10.86 -7.07
C SER B 177 -32.45 10.34 -7.04
N LYS B 178 -31.84 10.18 -8.21
CA LYS B 178 -30.46 9.70 -8.31
C LYS B 178 -29.52 10.74 -7.69
N HIS B 179 -28.41 10.27 -7.11
CA HIS B 179 -27.58 11.17 -6.32
C HIS B 179 -26.13 10.74 -6.24
N TRP B 180 -25.30 11.71 -5.86
CA TRP B 180 -23.93 11.48 -5.42
C TRP B 180 -23.90 11.50 -3.90
N ILE B 181 -23.00 10.74 -3.31
CA ILE B 181 -22.76 10.71 -1.86
C ILE B 181 -21.42 11.40 -1.64
N ILE B 182 -21.41 12.43 -0.79
CA ILE B 182 -20.21 13.23 -0.57
C ILE B 182 -19.80 13.23 0.90
N LYS B 183 -18.48 13.23 1.13
CA LYS B 183 -17.90 13.48 2.44
C LYS B 183 -17.38 14.92 2.47
N ASN B 184 -17.95 15.75 3.34
CA ASN B 184 -17.49 17.11 3.57
C ASN B 184 -16.48 17.12 4.73
N SER B 185 -15.84 18.28 4.93
CA SER B 185 -14.85 18.46 6.00
C SER B 185 -15.30 19.49 7.04
N TRP B 186 -16.60 19.50 7.32
CA TRP B 186 -17.27 20.45 8.22
C TRP B 186 -17.78 19.78 9.50
N GLY B 187 -17.18 18.65 9.89
CA GLY B 187 -17.61 17.94 11.08
C GLY B 187 -18.88 17.15 10.84
N GLU B 188 -19.22 16.32 11.83
CA GLU B 188 -20.41 15.48 11.74
C GLU B 188 -21.67 16.27 12.00
N SER B 189 -21.54 17.44 12.63
CA SER B 189 -22.69 18.28 12.86
C SER B 189 -23.30 18.76 11.54
N TRP B 190 -22.52 18.86 10.48
CA TRP B 190 -23.03 19.28 9.18
C TRP B 190 -23.69 18.13 8.43
N GLY B 191 -24.82 18.44 7.80
CA GLY B 191 -25.44 17.47 6.91
C GLY B 191 -25.94 16.27 7.69
N ASN B 192 -25.72 15.10 7.11
CA ASN B 192 -26.19 13.81 7.60
C ASN B 192 -24.93 13.09 8.11
N LYS B 193 -24.58 13.37 9.37
CA LYS B 193 -23.35 12.86 9.97
C LYS B 193 -22.11 13.25 9.15
N GLY B 194 -22.15 14.44 8.56
CA GLY B 194 -21.05 14.97 7.79
C GLY B 194 -21.09 14.69 6.31
N TYR B 195 -22.05 13.90 5.84
CA TYR B 195 -22.20 13.51 4.45
C TYR B 195 -23.42 14.19 3.87
N ALA B 196 -23.58 14.09 2.55
CA ALA B 196 -24.75 14.63 1.89
C ALA B 196 -25.08 13.81 0.64
N LEU B 197 -26.25 14.11 0.07
CA LEU B 197 -26.67 13.53 -1.19
C LEU B 197 -26.99 14.67 -2.15
N LEU B 198 -26.28 14.71 -3.28
CA LEU B 198 -26.42 15.74 -4.30
C LEU B 198 -27.08 15.20 -5.55
N ALA B 199 -27.92 16.04 -6.20
CA ALA B 199 -28.58 15.65 -7.43
C ALA B 199 -27.56 15.13 -8.45
N ARG B 200 -27.90 14.02 -9.10
CA ARG B 200 -27.05 13.34 -10.06
C ARG B 200 -27.80 13.16 -11.38
N ASN B 201 -27.05 13.26 -12.48
CA ASN B 201 -27.64 13.26 -13.83
C ASN B 201 -28.70 14.34 -13.97
N LYS B 202 -28.40 15.52 -13.42
CA LYS B 202 -29.24 16.70 -13.53
C LYS B 202 -28.38 17.88 -13.94
N ASN B 203 -27.64 17.64 -15.04
CA ASN B 203 -26.92 18.68 -15.77
C ASN B 203 -25.78 19.24 -14.93
N ASN B 204 -25.03 18.35 -14.27
CA ASN B 204 -23.82 18.73 -13.56
C ASN B 204 -24.12 19.73 -12.44
N ALA B 205 -25.07 19.37 -11.57
CA ALA B 205 -25.47 20.28 -10.50
C ALA B 205 -24.27 20.65 -9.62
N CYS B 206 -24.10 21.95 -9.42
CA CYS B 206 -23.03 22.54 -8.60
C CYS B 206 -21.64 22.25 -9.16
N GLY B 207 -21.52 21.87 -10.43
CA GLY B 207 -20.21 21.63 -11.04
C GLY B 207 -19.40 20.47 -10.50
N ILE B 208 -20.05 19.36 -10.13
CA ILE B 208 -19.36 18.25 -9.45
C ILE B 208 -18.19 17.71 -10.28
N THR B 209 -18.34 17.63 -11.60
CA THR B 209 -17.28 17.11 -12.47
C THR B 209 -16.46 18.19 -13.14
N ASN B 210 -16.58 19.44 -12.68
CA ASN B 210 -15.84 20.52 -13.31
C ASN B 210 -14.35 20.38 -13.03
N MET B 211 -14.00 19.84 -11.87
CA MET B 211 -12.63 19.74 -11.46
C MET B 211 -12.48 18.56 -10.49
N ALA B 212 -12.58 17.37 -11.07
CA ALA B 212 -12.52 16.11 -10.36
C ALA B 212 -11.27 15.35 -10.78
N SER B 213 -10.69 14.61 -9.84
CA SER B 213 -9.46 13.88 -10.10
C SER B 213 -9.38 12.76 -9.07
N PHE B 214 -8.44 11.85 -9.27
CA PHE B 214 -8.16 10.82 -8.30
C PHE B 214 -6.71 10.42 -8.41
N PRO B 215 -6.12 9.87 -7.35
CA PRO B 215 -4.71 9.49 -7.42
C PRO B 215 -4.52 8.08 -7.94
N LYS B 216 -3.36 7.86 -8.55
CA LYS B 216 -2.91 6.55 -8.98
C LYS B 216 -1.92 6.01 -7.95
N MET B 217 -1.98 4.71 -7.68
CA MET B 217 -1.11 4.12 -6.66
C MET B 217 -0.54 2.79 -7.13
#